data_1WM8
#
_entry.id   1WM8
#
_entity_poly.entity_id   1
_entity_poly.type   'polypeptide(L)'
_entity_poly.pdbx_seq_one_letter_code
;VGCEECPMHCKGKNANPTCDDGVCNCNV
;
_entity_poly.pdbx_strand_id   A
#
# COMPACT_ATOMS: atom_id res chain seq x y z
N VAL A 1 8.56 8.68 -0.10
CA VAL A 1 8.70 9.49 -1.32
C VAL A 1 8.92 8.65 -2.57
N GLY A 2 9.63 7.56 -2.44
CA GLY A 2 10.01 6.70 -3.57
C GLY A 2 9.18 5.45 -3.59
N CYS A 3 7.88 5.72 -3.47
CA CYS A 3 6.90 4.64 -3.10
C CYS A 3 6.75 3.63 -4.19
N GLU A 4 5.95 2.55 -4.05
CA GLU A 4 5.57 1.62 -5.16
C GLU A 4 5.43 0.24 -4.60
N GLU A 5 6.49 -0.26 -3.93
CA GLU A 5 6.43 -1.62 -3.32
C GLU A 5 5.52 -1.79 -2.04
N CYS A 6 5.65 -0.71 -1.15
CA CYS A 6 5.02 -0.87 0.17
C CYS A 6 3.55 -1.22 0.15
N PRO A 7 2.65 -0.50 -0.58
CA PRO A 7 1.27 -0.98 -0.53
C PRO A 7 1.00 -2.26 -1.22
N MET A 8 1.90 -2.74 -2.16
CA MET A 8 1.50 -3.92 -2.98
C MET A 8 1.26 -5.10 -2.09
N HIS A 9 2.26 -5.34 -1.21
CA HIS A 9 2.26 -6.50 -0.32
C HIS A 9 0.96 -6.96 0.28
N CYS A 10 0.23 -5.94 0.73
CA CYS A 10 -1.07 -6.07 1.45
C CYS A 10 -1.89 -7.15 0.84
N LYS A 11 -2.07 -7.14 -0.48
CA LYS A 11 -2.89 -8.15 -1.17
C LYS A 11 -2.82 -9.55 -0.52
N GLY A 12 -3.44 -9.81 0.65
CA GLY A 12 -3.41 -11.11 1.20
C GLY A 12 -4.77 -11.30 1.78
N LYS A 13 -5.83 -11.12 0.96
CA LYS A 13 -7.21 -11.46 1.39
C LYS A 13 -8.05 -10.27 1.07
N ASN A 14 -7.58 -9.11 1.55
CA ASN A 14 -8.21 -7.83 1.34
C ASN A 14 -7.26 -6.65 1.47
N ALA A 15 -7.48 -5.53 0.61
CA ALA A 15 -6.74 -4.27 0.64
C ALA A 15 -6.33 -4.10 -0.78
N ASN A 16 -5.39 -3.08 -1.16
CA ASN A 16 -4.89 -2.93 -2.55
C ASN A 16 -4.45 -1.45 -2.75
N PRO A 17 -5.31 -0.40 -3.25
CA PRO A 17 -4.83 0.69 -4.09
C PRO A 17 -3.58 1.48 -3.69
N THR A 18 -3.65 2.91 -3.66
CA THR A 18 -2.49 3.75 -3.74
C THR A 18 -1.63 3.67 -2.53
N CYS A 19 -0.63 4.62 -2.38
CA CYS A 19 0.34 4.49 -1.38
C CYS A 19 0.03 5.41 -0.28
N ASP A 20 -0.60 6.59 -0.54
CA ASP A 20 -0.78 7.51 0.51
C ASP A 20 0.53 8.21 0.84
N ASP A 21 1.21 8.86 -0.13
CA ASP A 21 2.25 9.74 0.25
C ASP A 21 3.50 9.05 0.78
N GLY A 22 4.31 9.66 1.68
CA GLY A 22 5.39 8.88 2.20
C GLY A 22 4.88 7.63 2.83
N VAL A 23 4.13 7.76 3.91
CA VAL A 23 3.63 6.60 4.69
C VAL A 23 2.84 5.66 3.81
N CYS A 24 2.42 4.44 4.19
CA CYS A 24 1.67 3.45 3.32
C CYS A 24 1.33 2.12 4.04
N ASN A 25 0.45 1.21 3.52
CA ASN A 25 0.02 0.06 4.30
C ASN A 25 -1.31 -0.46 3.75
N CYS A 26 -2.05 -1.26 4.53
CA CYS A 26 -3.43 -1.62 4.13
C CYS A 26 -4.42 -0.64 4.67
N ASN A 27 -5.75 -0.86 4.60
CA ASN A 27 -6.69 0.06 5.32
C ASN A 27 -8.01 0.20 4.63
N VAL A 28 -7.95 0.42 3.27
CA VAL A 28 -9.18 0.46 2.50
C VAL A 28 -9.84 1.79 2.79
N VAL A 1 8.40 8.43 -0.37
CA VAL A 1 8.76 9.43 -1.41
C VAL A 1 9.07 8.71 -2.71
N GLY A 2 9.94 7.71 -2.60
CA GLY A 2 10.09 6.72 -3.64
C GLY A 2 9.18 5.50 -3.41
N CYS A 3 7.83 5.65 -3.39
CA CYS A 3 6.90 4.50 -3.08
C CYS A 3 6.56 3.62 -4.29
N GLU A 4 5.99 2.42 -3.96
CA GLU A 4 5.46 1.57 -5.01
C GLU A 4 5.39 0.19 -4.42
N GLU A 5 6.53 -0.32 -3.91
CA GLU A 5 6.55 -1.65 -3.25
C GLU A 5 5.66 -1.65 -2.11
N CYS A 6 5.77 -0.82 -1.12
CA CYS A 6 4.99 -0.89 0.16
C CYS A 6 3.50 -1.29 -0.07
N PRO A 7 2.52 -0.56 -0.67
CA PRO A 7 1.16 -1.03 -0.66
C PRO A 7 1.00 -2.34 -1.31
N MET A 8 1.91 -2.73 -2.27
CA MET A 8 1.67 -4.00 -3.02
C MET A 8 1.48 -5.11 -2.07
N HIS A 9 2.41 -5.28 -1.15
CA HIS A 9 2.32 -6.48 -0.27
C HIS A 9 0.99 -6.72 0.44
N CYS A 10 0.21 -5.65 0.86
CA CYS A 10 -1.11 -5.86 1.53
C CYS A 10 -1.90 -7.00 0.93
N LYS A 11 -2.08 -7.06 -0.41
CA LYS A 11 -2.83 -8.16 -1.10
C LYS A 11 -2.79 -9.56 -0.53
N GLY A 12 -3.39 -9.88 0.60
CA GLY A 12 -3.39 -11.24 1.10
C GLY A 12 -4.75 -11.53 1.79
N LYS A 13 -5.85 -11.23 1.06
CA LYS A 13 -7.22 -11.46 1.47
C LYS A 13 -8.06 -10.28 1.16
N ASN A 14 -7.61 -9.15 1.77
CA ASN A 14 -8.21 -7.86 1.46
C ASN A 14 -7.17 -6.78 1.53
N ALA A 15 -7.35 -5.64 0.66
CA ALA A 15 -6.52 -4.45 0.65
C ALA A 15 -6.31 -4.10 -0.79
N ASN A 16 -5.25 -3.17 -1.16
CA ASN A 16 -4.83 -2.88 -2.56
C ASN A 16 -4.50 -1.37 -2.67
N PRO A 17 -5.39 -0.36 -3.25
CA PRO A 17 -4.93 0.75 -4.08
C PRO A 17 -3.67 1.50 -3.71
N THR A 18 -3.70 2.93 -3.70
CA THR A 18 -2.52 3.72 -3.82
C THR A 18 -1.64 3.64 -2.60
N CYS A 19 -0.58 4.52 -2.50
CA CYS A 19 0.35 4.41 -1.47
C CYS A 19 -0.02 5.31 -0.38
N ASP A 20 -0.50 6.53 -0.69
CA ASP A 20 -0.72 7.47 0.38
C ASP A 20 0.51 8.28 0.77
N ASP A 21 1.15 8.95 -0.21
CA ASP A 21 2.20 9.88 0.20
C ASP A 21 3.32 9.03 0.80
N GLY A 22 4.25 9.52 1.62
CA GLY A 22 5.29 8.69 2.13
C GLY A 22 4.79 7.44 2.80
N VAL A 23 3.99 7.64 3.94
CA VAL A 23 3.52 6.48 4.74
C VAL A 23 2.86 5.52 3.79
N CYS A 24 2.48 4.31 4.32
CA CYS A 24 1.84 3.34 3.50
C CYS A 24 1.33 2.22 4.31
N ASN A 25 0.49 1.39 3.65
CA ASN A 25 0.08 0.12 4.29
C ASN A 25 -1.23 -0.35 3.77
N CYS A 26 -2.02 -1.15 4.53
CA CYS A 26 -3.37 -1.53 4.07
C CYS A 26 -4.27 -0.57 4.81
N ASN A 27 -5.60 -0.76 4.65
CA ASN A 27 -6.62 0.10 5.33
C ASN A 27 -7.90 0.12 4.58
N VAL A 28 -7.92 0.24 3.23
CA VAL A 28 -9.18 0.36 2.48
C VAL A 28 -9.82 1.69 2.73
N VAL A 1 8.37 8.28 -0.46
CA VAL A 1 8.64 9.32 -1.45
C VAL A 1 8.92 8.60 -2.74
N GLY A 2 9.76 7.55 -2.73
CA GLY A 2 9.86 6.65 -3.84
C GLY A 2 9.15 5.48 -3.28
N CYS A 3 7.82 5.53 -3.47
CA CYS A 3 6.96 4.51 -2.89
C CYS A 3 6.40 3.72 -4.02
N GLU A 4 5.97 2.47 -3.81
CA GLU A 4 5.43 1.58 -4.83
C GLU A 4 5.35 0.16 -4.30
N GLU A 5 6.49 -0.46 -3.96
CA GLU A 5 6.53 -1.79 -3.34
C GLU A 5 5.49 -1.74 -2.24
N CYS A 6 5.70 -0.82 -1.26
CA CYS A 6 5.00 -0.90 0.01
C CYS A 6 3.56 -1.28 -0.24
N PRO A 7 2.54 -0.55 -0.75
CA PRO A 7 1.18 -1.04 -0.74
C PRO A 7 1.08 -2.37 -1.47
N MET A 8 1.92 -2.78 -2.46
CA MET A 8 1.66 -4.08 -3.07
C MET A 8 1.41 -5.11 -1.99
N HIS A 9 2.38 -5.32 -1.06
CA HIS A 9 2.29 -6.50 -0.15
C HIS A 9 0.96 -6.77 0.47
N CYS A 10 0.25 -5.67 0.71
CA CYS A 10 -1.03 -5.83 1.37
C CYS A 10 -1.90 -6.99 0.81
N LYS A 11 -1.95 -7.20 -0.52
CA LYS A 11 -2.83 -8.17 -1.09
C LYS A 11 -2.69 -9.54 -0.46
N GLY A 12 -3.36 -9.87 0.70
CA GLY A 12 -3.37 -11.26 1.15
C GLY A 12 -4.79 -11.65 1.69
N LYS A 13 -5.88 -11.20 1.07
CA LYS A 13 -7.26 -11.52 1.54
C LYS A 13 -8.02 -10.28 1.21
N ASN A 14 -7.61 -9.12 1.84
CA ASN A 14 -8.15 -7.82 1.41
C ASN A 14 -7.14 -6.71 1.40
N ALA A 15 -7.33 -5.62 0.51
CA ALA A 15 -6.53 -4.41 0.51
C ALA A 15 -6.31 -4.06 -0.89
N ASN A 16 -5.31 -3.09 -1.22
CA ASN A 16 -4.93 -2.75 -2.57
C ASN A 16 -4.54 -1.27 -2.57
N PRO A 17 -5.35 -0.22 -3.10
CA PRO A 17 -4.85 0.77 -3.99
C PRO A 17 -3.58 1.51 -3.61
N THR A 18 -3.61 2.94 -3.63
CA THR A 18 -2.41 3.72 -3.78
C THR A 18 -1.53 3.64 -2.57
N CYS A 19 -0.51 4.57 -2.45
CA CYS A 19 0.43 4.45 -1.41
C CYS A 19 0.01 5.32 -0.30
N ASP A 20 -0.32 6.60 -0.58
CA ASP A 20 -0.67 7.48 0.49
C ASP A 20 0.53 8.36 0.82
N ASP A 21 1.08 9.12 -0.16
CA ASP A 21 2.26 9.99 0.17
C ASP A 21 3.30 9.05 0.80
N GLY A 22 4.29 9.51 1.58
CA GLY A 22 5.35 8.64 2.10
C GLY A 22 4.81 7.42 2.86
N VAL A 23 4.08 7.63 3.96
CA VAL A 23 3.50 6.55 4.75
C VAL A 23 2.76 5.52 3.91
N CYS A 24 2.32 4.38 4.43
CA CYS A 24 1.83 3.40 3.47
C CYS A 24 1.27 2.22 4.21
N ASN A 25 0.58 1.31 3.50
CA ASN A 25 0.15 0.15 4.23
C ASN A 25 -1.24 -0.23 3.76
N CYS A 26 -1.99 -1.07 4.47
CA CYS A 26 -3.37 -1.50 4.08
C CYS A 26 -4.31 -0.62 4.84
N ASN A 27 -5.62 -0.75 4.65
CA ASN A 27 -6.65 0.16 5.31
C ASN A 27 -7.99 0.11 4.53
N VAL A 28 -7.91 0.24 3.17
CA VAL A 28 -9.15 0.36 2.36
C VAL A 28 -9.78 1.68 2.74
N VAL A 1 8.23 8.42 -0.50
CA VAL A 1 8.58 9.22 -1.64
C VAL A 1 8.84 8.43 -2.94
N GLY A 2 9.83 7.48 -2.89
CA GLY A 2 9.92 6.50 -3.96
C GLY A 2 9.12 5.39 -3.33
N CYS A 3 7.78 5.46 -3.44
CA CYS A 3 6.94 4.56 -2.70
C CYS A 3 6.19 3.70 -3.73
N GLU A 4 5.89 2.39 -3.58
CA GLU A 4 5.38 1.64 -4.72
C GLU A 4 5.35 0.17 -4.32
N GLU A 5 6.53 -0.47 -4.02
CA GLU A 5 6.50 -1.83 -3.44
C GLU A 5 5.51 -1.84 -2.29
N CYS A 6 5.69 -0.84 -1.33
CA CYS A 6 4.95 -0.78 -0.06
C CYS A 6 3.50 -1.23 -0.20
N PRO A 7 2.56 -0.56 -0.91
CA PRO A 7 1.19 -1.00 -0.94
C PRO A 7 0.99 -2.43 -1.48
N MET A 8 1.72 -2.91 -2.57
CA MET A 8 1.61 -4.30 -3.09
C MET A 8 1.34 -5.29 -1.98
N HIS A 9 2.41 -5.57 -1.15
CA HIS A 9 2.37 -6.63 -0.17
C HIS A 9 1.01 -6.78 0.48
N CYS A 10 0.24 -5.64 0.82
CA CYS A 10 -1.13 -5.76 1.41
C CYS A 10 -2.01 -6.84 0.84
N LYS A 11 -1.93 -7.09 -0.48
CA LYS A 11 -2.71 -8.20 -1.08
C LYS A 11 -2.66 -9.59 -0.51
N GLY A 12 -3.38 -9.96 0.62
CA GLY A 12 -3.35 -11.29 1.17
C GLY A 12 -4.71 -11.81 1.62
N LYS A 13 -5.74 -11.24 0.99
CA LYS A 13 -7.12 -11.35 1.44
C LYS A 13 -7.90 -10.10 1.19
N ASN A 14 -7.41 -8.92 1.56
CA ASN A 14 -8.21 -7.75 1.40
C ASN A 14 -7.20 -6.67 1.40
N ALA A 15 -7.31 -5.58 0.53
CA ALA A 15 -6.32 -4.56 0.50
C ALA A 15 -6.34 -4.01 -0.81
N ASN A 16 -5.27 -3.12 -1.21
CA ASN A 16 -5.00 -2.76 -2.59
C ASN A 16 -4.56 -1.26 -2.61
N PRO A 17 -5.27 -0.16 -3.24
CA PRO A 17 -4.59 0.89 -3.93
C PRO A 17 -3.51 1.67 -3.28
N THR A 18 -3.54 3.09 -3.46
CA THR A 18 -2.35 3.82 -3.69
C THR A 18 -1.41 3.78 -2.53
N CYS A 19 -0.35 4.64 -2.54
CA CYS A 19 0.57 4.56 -1.52
C CYS A 19 0.08 5.39 -0.43
N ASP A 20 -0.24 6.71 -0.65
CA ASP A 20 -0.69 7.47 0.41
C ASP A 20 0.45 8.35 0.88
N ASP A 21 1.05 9.06 -0.10
CA ASP A 21 2.24 9.94 0.31
C ASP A 21 3.29 9.00 0.87
N GLY A 22 4.36 9.46 1.52
CA GLY A 22 5.40 8.57 2.03
C GLY A 22 4.75 7.51 2.90
N VAL A 23 4.15 7.74 4.04
CA VAL A 23 3.54 6.64 4.80
C VAL A 23 2.81 5.64 3.91
N CYS A 24 2.63 4.34 4.27
CA CYS A 24 1.94 3.37 3.39
C CYS A 24 1.31 2.21 4.14
N ASN A 25 0.52 1.27 3.54
CA ASN A 25 0.14 0.10 4.30
C ASN A 25 -1.26 -0.21 3.80
N CYS A 26 -2.04 -1.01 4.59
CA CYS A 26 -3.34 -1.46 4.15
C CYS A 26 -4.38 -0.59 4.80
N ASN A 27 -5.68 -0.82 4.50
CA ASN A 27 -6.68 0.02 5.16
C ASN A 27 -7.97 0.10 4.38
N VAL A 28 -7.87 0.23 3.04
CA VAL A 28 -9.12 0.35 2.35
C VAL A 28 -9.79 1.58 2.84
N VAL A 1 8.49 8.32 -0.76
CA VAL A 1 8.59 9.34 -1.80
C VAL A 1 8.77 8.41 -2.98
N GLY A 2 9.91 7.69 -2.91
CA GLY A 2 10.04 6.49 -3.74
C GLY A 2 9.18 5.38 -3.19
N CYS A 3 7.80 5.45 -3.33
CA CYS A 3 6.94 4.47 -2.62
C CYS A 3 6.13 3.80 -3.73
N GLU A 4 5.90 2.46 -3.56
CA GLU A 4 5.34 1.68 -4.70
C GLU A 4 5.27 0.17 -4.40
N GLU A 5 6.43 -0.43 -4.08
CA GLU A 5 6.35 -1.79 -3.54
C GLU A 5 5.54 -1.76 -2.23
N CYS A 6 5.70 -0.80 -1.35
CA CYS A 6 4.92 -0.81 -0.06
C CYS A 6 3.46 -1.20 -0.13
N PRO A 7 2.58 -0.57 -0.95
CA PRO A 7 1.18 -1.05 -0.90
C PRO A 7 0.94 -2.46 -1.42
N MET A 8 1.72 -2.94 -2.43
CA MET A 8 1.63 -4.27 -3.05
C MET A 8 1.34 -5.27 -1.95
N HIS A 9 2.34 -5.42 -1.03
CA HIS A 9 2.27 -6.54 -0.07
C HIS A 9 0.95 -6.81 0.50
N CYS A 10 0.14 -5.78 0.85
CA CYS A 10 -1.18 -5.95 1.52
C CYS A 10 -2.09 -6.90 0.87
N LYS A 11 -1.87 -7.33 -0.40
CA LYS A 11 -2.81 -8.24 -1.03
C LYS A 11 -2.60 -9.57 -0.42
N GLY A 12 -3.18 -9.92 0.71
CA GLY A 12 -3.20 -11.38 1.05
C GLY A 12 -4.64 -11.72 1.44
N LYS A 13 -5.79 -11.14 0.90
CA LYS A 13 -7.13 -11.46 1.47
C LYS A 13 -8.00 -10.22 1.20
N ASN A 14 -7.43 -9.07 1.69
CA ASN A 14 -8.10 -7.75 1.44
C ASN A 14 -7.10 -6.60 1.49
N ALA A 15 -7.41 -5.45 0.70
CA ALA A 15 -6.69 -4.19 0.69
C ALA A 15 -6.28 -3.97 -0.73
N ASN A 16 -5.43 -2.87 -1.08
CA ASN A 16 -4.94 -2.68 -2.43
C ASN A 16 -4.32 -1.27 -2.55
N PRO A 17 -5.08 -0.09 -2.81
CA PRO A 17 -4.58 0.98 -3.63
C PRO A 17 -3.32 1.71 -3.31
N THR A 18 -3.35 3.14 -3.39
CA THR A 18 -2.19 3.90 -3.63
C THR A 18 -1.29 3.86 -2.48
N CYS A 19 -0.16 4.60 -2.49
CA CYS A 19 0.68 4.53 -1.43
C CYS A 19 0.11 5.38 -0.40
N ASP A 20 -0.28 6.66 -0.73
CA ASP A 20 -0.76 7.47 0.33
C ASP A 20 0.35 8.37 0.80
N ASP A 21 1.08 9.09 -0.07
CA ASP A 21 2.26 9.90 0.32
C ASP A 21 3.29 9.01 0.95
N GLY A 22 4.31 9.53 1.56
CA GLY A 22 5.32 8.66 2.15
C GLY A 22 4.71 7.42 2.84
N VAL A 23 4.02 7.76 3.96
CA VAL A 23 3.49 6.73 4.84
C VAL A 23 2.71 5.74 3.92
N CYS A 24 2.79 4.41 4.17
CA CYS A 24 2.07 3.41 3.36
C CYS A 24 1.47 2.31 4.24
N ASN A 25 0.71 1.34 3.70
CA ASN A 25 0.14 0.15 4.43
C ASN A 25 -1.25 -0.25 3.91
N CYS A 26 -2.00 -1.02 4.72
CA CYS A 26 -3.31 -1.51 4.22
C CYS A 26 -4.43 -0.60 4.83
N ASN A 27 -5.77 -0.87 4.60
CA ASN A 27 -6.73 0.03 5.20
C ASN A 27 -7.99 0.03 4.38
N VAL A 28 -7.88 0.22 3.07
CA VAL A 28 -9.11 0.25 2.25
C VAL A 28 -9.82 1.48 2.74
N VAL A 1 8.61 8.60 -0.65
CA VAL A 1 8.54 9.36 -1.91
C VAL A 1 8.71 8.34 -3.03
N GLY A 2 9.87 7.70 -3.07
CA GLY A 2 9.94 6.42 -3.79
C GLY A 2 9.16 5.34 -3.11
N CYS A 3 7.85 5.51 -2.95
CA CYS A 3 6.98 4.39 -2.51
C CYS A 3 6.24 3.78 -3.69
N GLU A 4 5.90 2.48 -3.67
CA GLU A 4 5.34 1.72 -4.79
C GLU A 4 5.26 0.20 -4.53
N GLU A 5 6.33 -0.42 -4.04
CA GLU A 5 6.28 -1.82 -3.62
C GLU A 5 5.36 -1.89 -2.40
N CYS A 6 5.54 -0.89 -1.44
CA CYS A 6 4.89 -0.96 -0.18
C CYS A 6 3.40 -1.29 -0.18
N PRO A 7 2.43 -0.64 -0.98
CA PRO A 7 1.07 -1.10 -0.92
C PRO A 7 0.95 -2.46 -1.52
N MET A 8 1.83 -2.90 -2.45
CA MET A 8 1.80 -4.30 -2.95
C MET A 8 1.52 -5.31 -1.84
N HIS A 9 2.31 -5.48 -0.74
CA HIS A 9 2.19 -6.57 0.20
C HIS A 9 0.83 -6.81 0.72
N CYS A 10 0.09 -5.71 1.04
CA CYS A 10 -1.30 -5.81 1.50
C CYS A 10 -2.08 -6.85 0.89
N LYS A 11 -1.95 -7.13 -0.46
CA LYS A 11 -2.77 -8.20 -1.07
C LYS A 11 -2.48 -9.59 -0.58
N GLY A 12 -3.06 -10.02 0.54
CA GLY A 12 -3.25 -11.40 0.95
C GLY A 12 -4.62 -11.77 1.58
N LYS A 13 -5.68 -11.14 1.10
CA LYS A 13 -7.04 -11.39 1.61
C LYS A 13 -7.87 -10.19 1.38
N ASN A 14 -7.43 -8.98 1.81
CA ASN A 14 -8.08 -7.73 1.44
C ASN A 14 -7.09 -6.65 1.41
N ALA A 15 -7.18 -5.55 0.52
CA ALA A 15 -6.17 -4.53 0.51
C ALA A 15 -6.08 -3.91 -0.75
N ASN A 16 -4.89 -3.10 -1.11
CA ASN A 16 -4.66 -2.58 -2.46
C ASN A 16 -4.40 -1.07 -2.38
N PRO A 17 -5.23 -0.03 -3.03
CA PRO A 17 -4.73 1.12 -3.61
C PRO A 17 -3.69 1.93 -3.00
N THR A 18 -3.62 3.28 -3.42
CA THR A 18 -2.38 3.95 -3.58
C THR A 18 -1.42 3.79 -2.45
N CYS A 19 -0.23 4.41 -2.52
CA CYS A 19 0.64 4.39 -1.40
C CYS A 19 0.00 5.24 -0.40
N ASP A 20 -0.33 6.53 -0.74
CA ASP A 20 -0.84 7.37 0.28
C ASP A 20 0.25 8.34 0.68
N ASP A 21 1.09 9.06 -0.16
CA ASP A 21 2.22 9.84 0.37
C ASP A 21 3.26 8.95 0.95
N GLY A 22 4.34 9.53 1.56
CA GLY A 22 5.39 8.67 2.08
C GLY A 22 4.78 7.53 2.89
N VAL A 23 4.06 7.85 3.95
CA VAL A 23 3.40 6.78 4.80
C VAL A 23 2.64 5.70 4.07
N CYS A 24 2.72 4.35 4.28
CA CYS A 24 2.06 3.45 3.37
C CYS A 24 1.61 2.24 4.23
N ASN A 25 0.80 1.35 3.57
CA ASN A 25 0.35 0.17 4.26
C ASN A 25 -1.05 -0.25 3.92
N CYS A 26 -1.81 -1.01 4.75
CA CYS A 26 -3.16 -1.48 4.41
C CYS A 26 -4.33 -0.61 4.89
N ASN A 27 -5.62 -0.94 4.76
CA ASN A 27 -6.71 -0.07 5.25
C ASN A 27 -7.93 -0.05 4.36
N VAL A 28 -7.82 0.15 2.98
CA VAL A 28 -9.03 0.18 2.14
C VAL A 28 -9.85 1.43 2.49
N VAL A 1 8.78 8.93 -0.62
CA VAL A 1 8.52 9.44 -2.00
C VAL A 1 8.68 8.31 -2.98
N GLY A 2 9.74 7.45 -2.96
CA GLY A 2 9.79 6.27 -3.87
C GLY A 2 9.05 5.20 -3.05
N CYS A 3 7.73 5.30 -3.03
CA CYS A 3 6.86 4.33 -2.40
C CYS A 3 6.32 3.59 -3.58
N GLU A 4 5.72 2.36 -3.62
CA GLU A 4 5.46 1.69 -4.95
C GLU A 4 5.33 0.19 -4.68
N GLU A 5 6.38 -0.52 -4.20
CA GLU A 5 6.20 -1.92 -3.64
C GLU A 5 5.21 -1.95 -2.42
N CYS A 6 5.39 -1.03 -1.45
CA CYS A 6 4.67 -1.10 -0.16
C CYS A 6 3.16 -1.36 -0.13
N PRO A 7 2.27 -0.77 -0.91
CA PRO A 7 0.92 -1.27 -0.90
C PRO A 7 0.90 -2.62 -1.48
N MET A 8 1.92 -3.10 -2.23
CA MET A 8 1.83 -4.43 -2.85
C MET A 8 1.54 -5.45 -1.83
N HIS A 9 2.36 -5.47 -0.78
CA HIS A 9 2.18 -6.52 0.26
C HIS A 9 0.76 -6.70 0.76
N CYS A 10 0.00 -5.63 1.02
CA CYS A 10 -1.45 -5.77 1.57
C CYS A 10 -2.20 -6.99 0.97
N LYS A 11 -2.12 -7.08 -0.38
CA LYS A 11 -2.69 -8.16 -1.12
C LYS A 11 -2.57 -9.62 -0.71
N GLY A 12 -3.11 -10.04 0.54
CA GLY A 12 -3.13 -11.52 0.87
C GLY A 12 -4.40 -11.82 1.54
N LYS A 13 -5.55 -11.27 1.01
CA LYS A 13 -6.91 -11.41 1.57
C LYS A 13 -7.79 -10.19 1.28
N ASN A 14 -7.31 -9.05 1.68
CA ASN A 14 -8.06 -7.79 1.46
C ASN A 14 -7.07 -6.70 1.48
N ALA A 15 -7.34 -5.55 0.65
CA ALA A 15 -6.65 -4.28 0.68
C ALA A 15 -6.32 -3.95 -0.75
N ASN A 16 -5.28 -2.97 -1.09
CA ASN A 16 -4.84 -2.66 -2.48
C ASN A 16 -4.50 -1.14 -2.55
N PRO A 17 -5.41 -0.11 -3.07
CA PRO A 17 -4.98 1.08 -3.81
C PRO A 17 -3.65 1.79 -3.49
N THR A 18 -3.60 3.22 -3.57
CA THR A 18 -2.36 3.92 -3.72
C THR A 18 -1.50 3.81 -2.49
N CYS A 19 -0.25 4.43 -2.50
CA CYS A 19 0.60 4.34 -1.39
C CYS A 19 0.11 5.25 -0.36
N ASP A 20 -0.21 6.52 -0.69
CA ASP A 20 -0.74 7.34 0.34
C ASP A 20 0.31 8.28 0.86
N ASP A 21 1.06 8.92 -0.08
CA ASP A 21 2.20 9.73 0.19
C ASP A 21 3.25 8.89 0.91
N GLY A 22 4.37 9.43 1.41
CA GLY A 22 5.35 8.55 2.00
C GLY A 22 4.73 7.52 2.89
N VAL A 23 3.86 7.88 3.86
CA VAL A 23 3.32 6.88 4.86
C VAL A 23 2.72 5.77 4.00
N CYS A 24 2.73 4.45 4.36
CA CYS A 24 2.11 3.43 3.52
C CYS A 24 1.75 2.15 4.21
N ASN A 25 0.85 1.32 3.63
CA ASN A 25 0.37 0.17 4.31
C ASN A 25 -1.04 -0.19 3.89
N CYS A 26 -1.85 -0.88 4.74
CA CYS A 26 -3.11 -1.40 4.25
C CYS A 26 -4.10 -0.53 4.90
N ASN A 27 -5.40 -0.84 4.58
CA ASN A 27 -6.53 -0.12 5.12
C ASN A 27 -7.83 -0.14 4.26
N VAL A 28 -7.75 0.06 2.91
CA VAL A 28 -8.96 0.21 2.09
C VAL A 28 -9.88 1.35 2.44
N VAL A 1 8.84 9.13 -0.64
CA VAL A 1 8.40 9.44 -2.00
C VAL A 1 8.54 8.19 -2.93
N GLY A 2 9.68 7.43 -2.82
CA GLY A 2 9.86 6.24 -3.62
C GLY A 2 9.05 5.12 -2.98
N CYS A 3 7.71 5.29 -2.92
CA CYS A 3 6.87 4.16 -2.49
C CYS A 3 6.49 3.40 -3.77
N GLU A 4 5.68 2.31 -3.64
CA GLU A 4 5.19 1.64 -4.85
C GLU A 4 5.15 0.13 -4.49
N GLU A 5 6.23 -0.39 -4.00
CA GLU A 5 6.19 -1.79 -3.56
C GLU A 5 5.25 -1.84 -2.41
N CYS A 6 5.42 -0.98 -1.41
CA CYS A 6 4.65 -1.20 -0.14
C CYS A 6 3.19 -1.54 -0.30
N PRO A 7 2.24 -0.83 -0.90
CA PRO A 7 0.85 -1.27 -0.99
C PRO A 7 0.69 -2.62 -1.57
N MET A 8 1.77 -3.08 -2.28
CA MET A 8 1.71 -4.46 -2.85
C MET A 8 1.39 -5.46 -1.72
N HIS A 9 2.24 -5.51 -0.68
CA HIS A 9 2.14 -6.59 0.31
C HIS A 9 0.73 -6.78 0.75
N CYS A 10 -0.01 -5.67 0.92
CA CYS A 10 -1.32 -5.78 1.50
C CYS A 10 -1.96 -6.99 0.86
N LYS A 11 -1.90 -7.10 -0.51
CA LYS A 11 -2.73 -8.10 -1.22
C LYS A 11 -2.67 -9.55 -0.85
N GLY A 12 -3.19 -9.93 0.37
CA GLY A 12 -3.14 -11.29 0.84
C GLY A 12 -4.40 -11.58 1.58
N LYS A 13 -5.53 -11.06 1.05
CA LYS A 13 -6.83 -11.42 1.66
C LYS A 13 -7.66 -10.17 1.35
N ASN A 14 -7.16 -8.93 1.63
CA ASN A 14 -7.92 -7.69 1.26
C ASN A 14 -6.93 -6.55 1.32
N ALA A 15 -7.14 -5.51 0.40
CA ALA A 15 -6.23 -4.50 0.25
C ALA A 15 -6.49 -3.72 -0.95
N ASN A 16 -5.49 -2.79 -1.28
CA ASN A 16 -5.10 -2.49 -2.64
C ASN A 16 -4.55 -1.08 -2.64
N PRO A 17 -5.29 0.05 -3.01
CA PRO A 17 -4.73 1.09 -3.78
C PRO A 17 -3.44 1.79 -3.40
N THR A 18 -3.41 3.22 -3.46
CA THR A 18 -2.20 3.94 -3.58
C THR A 18 -1.40 3.81 -2.33
N CYS A 19 -0.18 4.40 -2.30
CA CYS A 19 0.61 4.30 -1.15
C CYS A 19 0.10 5.27 -0.18
N ASP A 20 -0.34 6.44 -0.65
CA ASP A 20 -0.89 7.36 0.25
C ASP A 20 0.24 8.25 0.76
N ASP A 21 1.03 8.88 -0.20
CA ASP A 21 2.15 9.69 0.15
C ASP A 21 3.19 8.82 0.87
N GLY A 22 4.33 9.33 1.37
CA GLY A 22 5.39 8.49 1.99
C GLY A 22 4.76 7.45 2.94
N VAL A 23 3.95 7.92 4.01
CA VAL A 23 3.28 6.94 4.92
C VAL A 23 2.73 5.85 4.05
N CYS A 24 2.68 4.57 4.50
CA CYS A 24 2.29 3.53 3.59
C CYS A 24 1.87 2.27 4.26
N ASN A 25 0.79 1.56 3.79
CA ASN A 25 0.33 0.25 4.48
C ASN A 25 -0.98 -0.14 3.85
N CYS A 26 -1.81 -0.79 4.71
CA CYS A 26 -3.06 -1.32 4.19
C CYS A 26 -4.23 -0.54 4.88
N ASN A 27 -5.49 -0.69 4.43
CA ASN A 27 -6.62 0.02 5.10
C ASN A 27 -7.86 -0.09 4.17
N VAL A 28 -7.72 0.18 2.87
CA VAL A 28 -8.86 0.15 1.92
C VAL A 28 -9.88 1.12 2.46
N VAL A 1 8.77 9.24 -0.82
CA VAL A 1 8.38 9.56 -2.21
C VAL A 1 8.63 8.21 -2.91
N GLY A 2 9.63 7.40 -2.60
CA GLY A 2 9.98 6.19 -3.32
C GLY A 2 9.07 5.02 -3.00
N CYS A 3 7.73 5.16 -3.03
CA CYS A 3 6.85 4.08 -2.60
C CYS A 3 6.55 3.30 -3.86
N GLU A 4 5.59 2.37 -3.72
CA GLU A 4 5.09 1.58 -4.76
C GLU A 4 4.97 0.14 -4.40
N GLU A 5 6.11 -0.42 -3.97
CA GLU A 5 6.17 -1.79 -3.50
C GLU A 5 5.22 -1.88 -2.30
N CYS A 6 5.43 -1.12 -1.26
CA CYS A 6 4.64 -1.04 -0.08
C CYS A 6 3.19 -1.50 -0.27
N PRO A 7 2.17 -0.71 -0.74
CA PRO A 7 0.86 -1.26 -0.86
C PRO A 7 0.68 -2.65 -1.42
N MET A 8 1.61 -3.08 -2.32
CA MET A 8 1.46 -4.44 -2.90
C MET A 8 1.31 -5.48 -1.80
N HIS A 9 2.33 -5.64 -0.89
CA HIS A 9 2.21 -6.58 0.24
C HIS A 9 0.81 -6.80 0.83
N CYS A 10 0.06 -5.70 1.06
CA CYS A 10 -1.32 -6.01 1.61
C CYS A 10 -2.07 -6.97 0.73
N LYS A 11 -2.06 -6.94 -0.58
CA LYS A 11 -2.81 -7.95 -1.35
C LYS A 11 -2.63 -9.35 -0.83
N GLY A 12 -3.00 -9.82 0.41
CA GLY A 12 -3.01 -11.18 0.83
C GLY A 12 -4.30 -11.51 1.51
N LYS A 13 -5.45 -10.99 0.92
CA LYS A 13 -6.75 -11.31 1.42
C LYS A 13 -7.68 -10.09 1.33
N ASN A 14 -7.18 -8.93 1.74
CA ASN A 14 -7.85 -7.74 1.46
C ASN A 14 -6.91 -6.60 1.37
N ALA A 15 -7.26 -5.48 0.54
CA ALA A 15 -6.63 -4.17 0.56
C ALA A 15 -6.39 -3.80 -0.86
N ASN A 16 -5.32 -2.89 -1.23
CA ASN A 16 -4.96 -2.53 -2.61
C ASN A 16 -4.51 -1.04 -2.61
N PRO A 17 -5.33 0.07 -3.07
CA PRO A 17 -4.82 1.22 -3.78
C PRO A 17 -3.58 1.94 -3.36
N THR A 18 -3.57 3.36 -3.52
CA THR A 18 -2.38 4.09 -3.59
C THR A 18 -1.60 3.92 -2.34
N CYS A 19 -0.31 4.33 -2.34
CA CYS A 19 0.46 4.17 -1.22
C CYS A 19 0.01 5.14 -0.23
N ASP A 20 -0.55 6.29 -0.65
CA ASP A 20 -0.96 7.23 0.34
C ASP A 20 0.26 8.12 0.64
N ASP A 21 1.06 8.68 -0.28
CA ASP A 21 2.15 9.61 0.05
C ASP A 21 3.13 8.81 0.86
N GLY A 22 4.27 9.36 1.43
CA GLY A 22 5.33 8.59 2.07
C GLY A 22 4.81 7.56 2.96
N VAL A 23 4.02 7.98 3.96
CA VAL A 23 3.29 7.06 4.85
C VAL A 23 2.79 5.90 4.04
N CYS A 24 2.70 4.59 4.57
CA CYS A 24 2.34 3.43 3.68
C CYS A 24 1.89 2.13 4.38
N ASN A 25 0.91 1.41 3.87
CA ASN A 25 0.43 0.26 4.56
C ASN A 25 -0.89 -0.16 4.00
N CYS A 26 -1.83 -0.62 4.80
CA CYS A 26 -3.12 -1.11 4.25
C CYS A 26 -4.31 -0.50 4.86
N ASN A 27 -5.55 -0.78 4.50
CA ASN A 27 -6.70 -0.11 5.10
C ASN A 27 -7.86 -0.23 4.10
N VAL A 28 -7.60 0.16 2.85
CA VAL A 28 -8.67 0.01 1.87
C VAL A 28 -9.75 1.00 2.39
N VAL A 1 8.45 8.72 -0.24
CA VAL A 1 8.73 9.56 -1.38
C VAL A 1 9.04 8.66 -2.55
N GLY A 2 9.91 7.58 -2.45
CA GLY A 2 10.10 6.73 -3.66
C GLY A 2 9.17 5.49 -3.49
N CYS A 3 7.84 5.67 -3.52
CA CYS A 3 6.97 4.57 -3.11
C CYS A 3 6.73 3.59 -4.27
N GLU A 4 6.02 2.47 -3.98
CA GLU A 4 5.49 1.60 -5.03
C GLU A 4 5.40 0.22 -4.49
N GLU A 5 6.51 -0.25 -3.88
CA GLU A 5 6.52 -1.60 -3.33
C GLU A 5 5.60 -1.70 -2.13
N CYS A 6 5.78 -0.78 -1.12
CA CYS A 6 5.03 -0.90 0.12
C CYS A 6 3.54 -1.30 0.07
N PRO A 7 2.61 -0.64 -0.69
CA PRO A 7 1.21 -1.00 -0.64
C PRO A 7 0.94 -2.30 -1.31
N MET A 8 1.80 -2.70 -2.30
CA MET A 8 1.59 -3.94 -2.97
C MET A 8 1.37 -5.09 -2.04
N HIS A 9 2.34 -5.38 -1.09
CA HIS A 9 2.31 -6.60 -0.31
C HIS A 9 0.94 -6.74 0.35
N CYS A 10 0.18 -5.71 0.81
CA CYS A 10 -1.05 -6.00 1.52
C CYS A 10 -1.85 -7.17 0.93
N LYS A 11 -1.97 -7.18 -0.42
CA LYS A 11 -2.88 -8.12 -1.12
C LYS A 11 -2.75 -9.51 -0.59
N GLY A 12 -3.44 -9.81 0.57
CA GLY A 12 -3.39 -11.12 1.22
C GLY A 12 -4.78 -11.45 1.84
N LYS A 13 -5.86 -11.29 1.02
CA LYS A 13 -7.25 -11.47 1.46
C LYS A 13 -7.98 -10.23 1.13
N ASN A 14 -7.49 -9.03 1.62
CA ASN A 14 -8.28 -7.83 1.29
C ASN A 14 -7.30 -6.72 1.44
N ALA A 15 -7.50 -5.58 0.63
CA ALA A 15 -6.74 -4.36 0.67
C ALA A 15 -6.34 -4.15 -0.73
N ASN A 16 -5.63 -3.00 -1.13
CA ASN A 16 -5.22 -2.80 -2.50
C ASN A 16 -4.64 -1.39 -2.66
N PRO A 17 -5.41 -0.27 -3.06
CA PRO A 17 -4.93 0.64 -4.06
C PRO A 17 -3.61 1.37 -3.82
N THR A 18 -3.63 2.80 -3.67
CA THR A 18 -2.48 3.65 -3.82
C THR A 18 -1.59 3.59 -2.63
N CYS A 19 -0.65 4.59 -2.45
CA CYS A 19 0.31 4.49 -1.46
C CYS A 19 -0.02 5.40 -0.35
N ASP A 20 -0.58 6.62 -0.61
CA ASP A 20 -0.76 7.51 0.46
C ASP A 20 0.50 8.27 0.83
N ASP A 21 1.11 8.97 -0.13
CA ASP A 21 2.27 9.76 0.19
C ASP A 21 3.45 9.05 0.77
N GLY A 22 4.29 9.59 1.72
CA GLY A 22 5.43 8.81 2.25
C GLY A 22 4.87 7.57 2.87
N VAL A 23 4.08 7.74 3.97
CA VAL A 23 3.56 6.59 4.69
C VAL A 23 2.84 5.58 3.78
N CYS A 24 2.53 4.32 4.23
CA CYS A 24 1.82 3.39 3.38
C CYS A 24 1.31 2.24 4.18
N ASN A 25 0.39 1.40 3.63
CA ASN A 25 0.03 0.10 4.24
C ASN A 25 -1.31 -0.35 3.75
N CYS A 26 -2.08 -1.13 4.57
CA CYS A 26 -3.39 -1.63 4.18
C CYS A 26 -4.36 -0.63 4.75
N ASN A 27 -5.73 -0.82 4.62
CA ASN A 27 -6.62 0.11 5.30
C ASN A 27 -7.90 0.16 4.58
N VAL A 28 -7.92 0.34 3.21
CA VAL A 28 -9.21 0.41 2.51
C VAL A 28 -9.84 1.73 2.79
#